data_8ARC
#
_entry.id   8ARC
#
_cell.length_a   90.590
_cell.length_b   34.220
_cell.length_c   99.600
_cell.angle_alpha   90.000
_cell.angle_beta   101.810
_cell.angle_gamma   90.000
#
_symmetry.space_group_name_H-M   'C 1 2 1'
#
loop_
_entity.id
_entity.type
_entity.pdbx_description
1 polymer 'Type III secretion protein SctY'
2 polymer AscX
3 non-polymer 'BROMIDE ION'
4 water water
#
loop_
_entity_poly.entity_id
_entity_poly.type
_entity_poly.pdbx_seq_one_letter_code
_entity_poly.pdbx_strand_id
1 'polypeptide(L)'
;MGHHHHHHGMTLSA(MLY)QQSALLLLGWLQLQYGHPDRARILLDALLALHPEH(MLY)EGRRALVVSLL(MLY)LQ
(MLY)GSMA(MLY)EHCTLLQEQGEQSAALWLCVSRACQQEGNLEEARSAYQRYLAQGALL
;
A,C
2 'polypeptide(L)' GAMERLADRALLDFATPHRGFHDLLRPVDFHQAMQGLRSVLAEGQSPELRAAAILLEQMHADEQLMQMTLHLLHKV B,D
#
loop_
_chem_comp.id
_chem_comp.type
_chem_comp.name
_chem_comp.formula
BR non-polymer 'BROMIDE ION' 'Br -1'
#
# COMPACT_ATOMS: atom_id res chain seq x y z
N HIS A 8 20.33 5.59 7.16
CA HIS A 8 20.07 4.52 8.11
C HIS A 8 18.57 4.28 8.28
N GLY A 9 18.16 3.05 8.01
CA GLY A 9 16.77 2.67 8.15
C GLY A 9 16.13 2.35 6.81
N MET A 10 15.10 1.52 6.85
CA MET A 10 14.37 1.12 5.65
C MET A 10 13.47 2.28 5.22
N THR A 11 14.10 3.29 4.63
CA THR A 11 13.40 4.49 4.23
C THR A 11 14.19 5.19 3.12
N LEU A 12 13.49 6.05 2.38
CA LEU A 12 14.09 6.76 1.26
C LEU A 12 14.07 8.26 1.54
N SER A 13 15.17 8.93 1.21
CA SER A 13 15.19 10.38 1.28
C SER A 13 14.26 10.98 0.22
N ALA A 14 14.03 12.29 0.32
CA ALA A 14 13.15 12.99 -0.60
C ALA A 14 13.62 12.87 -2.05
N MLY A 15 14.93 12.82 -2.25
CA MLY A 15 15.50 12.70 -3.59
CB MLY A 15 16.94 13.24 -3.62
CG MLY A 15 17.03 14.75 -3.40
CD MLY A 15 18.46 15.25 -3.55
CE MLY A 15 19.41 14.56 -2.59
NZ MLY A 15 20.81 15.00 -2.82
CH1 MLY A 15 20.89 16.40 -2.39
CH2 MLY A 15 21.66 14.23 -1.90
C MLY A 15 15.47 11.26 -4.08
O MLY A 15 15.30 11.01 -5.28
N GLN A 16 15.62 10.31 -3.16
CA GLN A 16 15.55 8.90 -3.52
C GLN A 16 14.11 8.49 -3.86
N GLN A 17 13.15 9.09 -3.16
CA GLN A 17 11.75 8.85 -3.48
C GLN A 17 11.40 9.39 -4.87
N SER A 18 11.92 10.58 -5.20
CA SER A 18 11.69 11.14 -6.53
C SER A 18 12.36 10.29 -7.61
N ALA A 19 13.56 9.79 -7.33
CA ALA A 19 14.26 8.94 -8.30
C ALA A 19 13.45 7.68 -8.58
N LEU A 20 12.96 7.02 -7.52
CA LEU A 20 12.16 5.82 -7.70
C LEU A 20 10.85 6.12 -8.43
N LEU A 21 10.22 7.25 -8.08
CA LEU A 21 9.02 7.68 -8.80
C LEU A 21 9.31 7.90 -10.27
N LEU A 22 10.47 8.47 -10.59
CA LEU A 22 10.85 8.71 -11.97
C LEU A 22 11.10 7.40 -12.70
N LEU A 23 11.74 6.43 -12.04
CA LEU A 23 11.97 5.12 -12.64
C LEU A 23 10.66 4.45 -13.01
N GLY A 24 9.66 4.52 -12.11
CA GLY A 24 8.37 3.93 -12.42
C GLY A 24 7.62 4.69 -13.49
N TRP A 25 7.69 6.02 -13.44
CA TRP A 25 7.00 6.82 -14.45
C TRP A 25 7.57 6.59 -15.84
N LEU A 26 8.88 6.34 -15.94
CA LEU A 26 9.47 6.07 -17.24
C LEU A 26 8.98 4.75 -17.81
N GLN A 27 8.87 3.72 -16.96
CA GLN A 27 8.32 2.45 -17.42
C GLN A 27 6.88 2.62 -17.89
N LEU A 28 6.08 3.37 -17.14
CA LEU A 28 4.70 3.63 -17.55
C LEU A 28 4.66 4.40 -18.86
N GLN A 29 5.51 5.40 -19.02
CA GLN A 29 5.55 6.19 -20.25
C GLN A 29 5.82 5.31 -21.46
N TYR A 30 6.74 4.35 -21.32
CA TYR A 30 7.14 3.50 -22.43
C TYR A 30 6.33 2.20 -22.52
N GLY A 31 5.11 2.20 -22.01
CA GLY A 31 4.23 1.07 -22.21
C GLY A 31 4.63 -0.20 -21.48
N HIS A 32 5.25 -0.07 -20.30
CA HIS A 32 5.58 -1.21 -19.45
C HIS A 32 4.90 -1.01 -18.10
N PRO A 33 3.57 -1.10 -18.05
CA PRO A 33 2.88 -0.84 -16.77
C PRO A 33 3.14 -1.91 -15.72
N ASP A 34 3.47 -3.13 -16.13
CA ASP A 34 3.79 -4.16 -15.14
CA ASP A 34 3.80 -4.16 -15.15
C ASP A 34 5.12 -3.85 -14.45
N ARG A 35 6.08 -3.29 -15.19
CA ARG A 35 7.35 -2.91 -14.58
C ARG A 35 7.18 -1.65 -13.72
N ALA A 36 6.36 -0.71 -14.18
CA ALA A 36 6.07 0.48 -13.37
C ALA A 36 5.41 0.10 -12.06
N ARG A 37 4.41 -0.78 -12.12
CA ARG A 37 3.71 -1.21 -10.91
C ARG A 37 4.68 -1.80 -9.89
N ILE A 38 5.69 -2.54 -10.36
CA ILE A 38 6.68 -3.13 -9.46
C ILE A 38 7.44 -2.04 -8.72
N LEU A 39 7.92 -1.03 -9.46
CA LEU A 39 8.68 0.04 -8.82
C LEU A 39 7.80 0.92 -7.95
N LEU A 40 6.55 1.15 -8.38
CA LEU A 40 5.66 2.02 -7.63
C LEU A 40 5.11 1.35 -6.37
N ASP A 41 4.91 0.04 -6.41
CA ASP A 41 4.51 -0.68 -5.19
C ASP A 41 5.61 -0.61 -4.14
N ALA A 42 6.87 -0.70 -4.55
CA ALA A 42 7.98 -0.58 -3.61
C ALA A 42 8.04 0.81 -3.01
N LEU A 43 7.83 1.84 -3.82
CA LEU A 43 7.82 3.21 -3.30
C LEU A 43 6.70 3.39 -2.29
N LEU A 44 5.52 2.81 -2.57
CA LEU A 44 4.39 2.93 -1.65
C LEU A 44 4.49 1.98 -0.47
N ALA A 45 5.35 0.95 -0.56
CA ALA A 45 5.61 0.12 0.61
C ALA A 45 6.47 0.86 1.62
N LEU A 46 7.41 1.66 1.14
CA LEU A 46 8.30 2.42 2.03
C LEU A 46 7.74 3.78 2.41
N HIS A 47 6.90 4.36 1.56
CA HIS A 47 6.31 5.68 1.81
C HIS A 47 4.89 5.66 1.26
N PRO A 48 3.97 5.01 1.97
CA PRO A 48 2.58 4.90 1.46
C PRO A 48 1.87 6.22 1.31
N GLU A 49 2.35 7.29 1.94
CA GLU A 49 1.72 8.60 1.82
C GLU A 49 2.15 9.35 0.57
N HIS A 50 3.02 8.75 -0.26
CA HIS A 50 3.51 9.40 -1.46
C HIS A 50 2.40 9.45 -2.51
N MLY A 51 1.76 10.61 -2.61
CA MLY A 51 0.60 10.80 -3.49
CB MLY A 51 -0.06 12.15 -3.20
CG MLY A 51 -0.95 12.15 -1.97
CD MLY A 51 -0.70 13.40 -1.13
CE MLY A 51 -0.98 14.68 -1.91
NZ MLY A 51 -2.43 15.03 -1.94
CH1 MLY A 51 -2.80 15.42 -0.58
CH2 MLY A 51 -2.56 16.22 -2.78
C MLY A 51 0.97 10.72 -4.97
O MLY A 51 0.24 10.12 -5.77
N GLU A 52 2.11 11.30 -5.33
CA GLU A 52 2.61 11.26 -6.71
C GLU A 52 2.89 9.82 -7.16
N GLY A 53 3.44 9.02 -6.25
CA GLY A 53 3.64 7.62 -6.56
C GLY A 53 2.32 6.86 -6.72
N ARG A 54 1.31 7.22 -5.94
CA ARG A 54 0.04 6.51 -5.99
C ARG A 54 -0.75 6.84 -7.26
N ARG A 55 -0.72 8.10 -7.70
CA ARG A 55 -1.40 8.46 -8.94
CA ARG A 55 -1.43 8.42 -8.94
C ARG A 55 -0.81 7.70 -10.13
N ALA A 56 0.52 7.56 -10.15
CA ALA A 56 1.15 6.80 -11.22
C ALA A 56 0.79 5.33 -11.14
N LEU A 57 0.63 4.79 -9.93
CA LEU A 57 0.20 3.40 -9.77
C LEU A 57 -1.23 3.22 -10.28
N VAL A 58 -2.11 4.19 -9.98
CA VAL A 58 -3.48 4.14 -10.47
C VAL A 58 -3.51 3.97 -11.98
N VAL A 59 -2.74 4.79 -12.69
CA VAL A 59 -2.73 4.74 -14.15
C VAL A 59 -2.08 3.45 -14.63
N SER A 60 -1.04 3.00 -13.92
CA SER A 60 -0.40 1.73 -14.28
C SER A 60 -1.39 0.57 -14.15
N LEU A 61 -2.24 0.60 -13.12
CA LEU A 61 -3.22 -0.46 -12.93
C LEU A 61 -4.28 -0.42 -14.02
N LEU A 62 -4.68 0.79 -14.44
CA LEU A 62 -5.65 0.94 -15.53
C LEU A 62 -5.11 0.33 -16.82
N MLY A 63 -3.82 0.52 -17.07
CA MLY A 63 -3.17 -0.03 -18.25
CB MLY A 63 -1.79 0.61 -18.44
CG MLY A 63 -1.74 1.72 -19.49
CD MLY A 63 -2.35 3.03 -18.98
CE MLY A 63 -3.75 3.28 -19.53
NZ MLY A 63 -3.83 4.02 -20.85
CH1 MLY A 63 -2.61 4.83 -21.04
CH2 MLY A 63 -3.88 3.03 -21.95
C MLY A 63 -3.02 -1.54 -18.16
O MLY A 63 -2.81 -2.22 -19.17
N LEU A 64 -3.13 -2.07 -16.95
CA LEU A 64 -3.03 -3.50 -16.71
C LEU A 64 -4.42 -4.12 -16.58
N GLN A 65 -5.45 -3.33 -16.92
CA GLN A 65 -6.85 -3.75 -16.83
C GLN A 65 -7.22 -4.19 -15.42
N MLY A 66 -6.68 -3.48 -14.43
CA MLY A 66 -6.97 -3.77 -13.03
CB MLY A 66 -5.67 -3.92 -12.24
CG MLY A 66 -4.76 -5.02 -12.76
CD MLY A 66 -5.48 -6.37 -12.73
CE MLY A 66 -4.55 -7.50 -13.13
NZ MLY A 66 -5.22 -8.83 -13.01
CH1 MLY A 66 -6.15 -8.92 -14.14
CH2 MLY A 66 -4.20 -9.85 -13.20
C MLY A 66 -7.83 -2.65 -12.44
O MLY A 66 -7.44 -1.99 -11.48
N GLY A 67 -9.01 -2.46 -13.02
CA GLY A 67 -9.89 -1.37 -12.65
C GLY A 67 -10.35 -1.33 -11.20
N SER A 68 -10.65 -2.50 -10.64
CA SER A 68 -11.08 -2.56 -9.24
C SER A 68 -9.99 -2.05 -8.31
N MET A 69 -8.75 -2.52 -8.50
CA MET A 69 -7.65 -2.03 -7.67
C MET A 69 -7.41 -0.54 -7.88
N ALA A 70 -7.46 -0.08 -9.13
CA ALA A 70 -7.19 1.32 -9.44
C ALA A 70 -8.18 2.26 -8.78
N MLY A 71 -9.44 1.83 -8.70
CA MLY A 71 -10.50 2.62 -8.08
CB MLY A 71 -11.86 1.99 -8.39
CG MLY A 71 -13.03 2.65 -7.68
CD MLY A 71 -14.29 1.84 -7.86
CE MLY A 71 -14.09 0.40 -7.40
NZ MLY A 71 -15.29 -0.45 -7.63
CH1 MLY A 71 -15.09 -1.10 -8.93
CH2 MLY A 71 -15.25 -1.51 -6.63
C MLY A 71 -10.31 2.75 -6.56
O MLY A 71 -10.62 3.79 -5.98
N GLU A 72 -9.80 1.70 -5.93
CA GLU A 72 -9.55 1.73 -4.49
C GLU A 72 -8.39 2.66 -4.16
N HIS A 73 -7.36 2.64 -5.00
CA HIS A 73 -6.25 3.57 -4.82
C HIS A 73 -6.70 5.01 -5.03
N CYS A 74 -7.67 5.23 -5.92
CA CYS A 74 -8.27 6.55 -6.07
C CYS A 74 -9.04 6.94 -4.82
N THR A 75 -9.72 5.97 -4.19
CA THR A 75 -10.43 6.25 -2.94
C THR A 75 -9.48 6.71 -1.85
N LEU A 76 -8.29 6.09 -1.78
CA LEU A 76 -7.31 6.52 -0.80
C LEU A 76 -6.79 7.92 -1.10
N LEU A 77 -6.54 8.22 -2.38
CA LEU A 77 -6.17 9.58 -2.76
C LEU A 77 -7.24 10.58 -2.34
N GLN A 78 -8.51 10.25 -2.58
CA GLN A 78 -9.59 11.17 -2.26
C GLN A 78 -9.61 11.51 -0.77
N GLU A 79 -9.42 10.51 0.10
CA GLU A 79 -9.42 10.77 1.53
C GLU A 79 -8.09 11.32 2.02
N GLN A 80 -7.04 11.30 1.20
CA GLN A 80 -5.82 12.03 1.53
C GLN A 80 -5.93 13.52 1.24
N GLY A 81 -7.01 13.96 0.61
CA GLY A 81 -7.17 15.33 0.21
C GLY A 81 -6.93 15.61 -1.25
N GLU A 82 -6.78 14.59 -2.08
CA GLU A 82 -6.59 14.80 -3.51
C GLU A 82 -7.83 15.47 -4.09
N GLN A 83 -7.62 16.60 -4.77
CA GLN A 83 -8.72 17.39 -5.31
C GLN A 83 -8.55 17.68 -6.80
N SER A 84 -7.70 16.90 -7.47
CA SER A 84 -7.54 17.06 -8.92
C SER A 84 -8.76 16.49 -9.64
N ALA A 85 -9.22 17.22 -10.66
CA ALA A 85 -10.37 16.75 -11.42
C ALA A 85 -10.08 15.47 -12.19
N ALA A 86 -8.83 15.31 -12.65
CA ALA A 86 -8.47 14.10 -13.40
C ALA A 86 -8.50 12.84 -12.55
N LEU A 87 -8.61 12.97 -11.23
CA LEU A 87 -8.81 11.79 -10.39
C LEU A 87 -10.08 11.05 -10.78
N TRP A 88 -11.17 11.79 -11.04
CA TRP A 88 -12.43 11.17 -11.38
C TRP A 88 -12.41 10.57 -12.78
N LEU A 89 -11.57 11.10 -13.67
CA LEU A 89 -11.38 10.45 -14.97
C LEU A 89 -10.79 9.06 -14.79
N CYS A 90 -9.90 8.89 -13.82
CA CYS A 90 -9.38 7.56 -13.52
C CYS A 90 -10.45 6.67 -12.90
N VAL A 91 -11.29 7.23 -12.04
CA VAL A 91 -12.37 6.44 -11.42
C VAL A 91 -13.36 5.99 -12.48
N SER A 92 -13.72 6.88 -13.40
CA SER A 92 -14.64 6.52 -14.48
C SER A 92 -14.03 5.44 -15.36
N ARG A 93 -12.77 5.61 -15.74
CA ARG A 93 -12.09 4.60 -16.55
C ARG A 93 -12.01 3.28 -15.81
N ALA A 94 -11.76 3.32 -14.49
CA ALA A 94 -11.70 2.09 -13.71
C ALA A 94 -13.06 1.40 -13.65
N CYS A 95 -14.14 2.17 -13.52
CA CYS A 95 -15.47 1.57 -13.48
C CYS A 95 -15.88 1.01 -14.83
N GLN A 96 -15.44 1.65 -15.92
CA GLN A 96 -15.72 1.11 -17.25
C GLN A 96 -15.01 -0.22 -17.49
N GLN A 97 -13.84 -0.41 -16.88
CA GLN A 97 -13.12 -1.67 -17.04
C GLN A 97 -13.82 -2.80 -16.30
N GLU A 98 -14.57 -2.49 -15.25
CA GLU A 98 -15.25 -3.49 -14.44
C GLU A 98 -16.73 -3.63 -14.77
N GLY A 99 -17.23 -2.90 -15.76
CA GLY A 99 -18.62 -2.97 -16.13
C GLY A 99 -19.55 -2.05 -15.36
N ASN A 100 -19.04 -1.35 -14.36
CA ASN A 100 -19.85 -0.41 -13.56
C ASN A 100 -20.08 0.86 -14.37
N LEU A 101 -20.92 0.74 -15.40
CA LEU A 101 -21.14 1.84 -16.32
C LEU A 101 -21.85 3.00 -15.66
N GLU A 102 -22.75 2.73 -14.71
CA GLU A 102 -23.45 3.82 -14.03
C GLU A 102 -22.52 4.55 -13.07
N GLU A 103 -21.63 3.82 -12.40
CA GLU A 103 -20.64 4.47 -11.56
C GLU A 103 -19.62 5.24 -12.40
N ALA A 104 -19.30 4.73 -13.58
CA ALA A 104 -18.38 5.45 -14.47
C ALA A 104 -18.98 6.78 -14.92
N ARG A 105 -20.27 6.78 -15.24
CA ARG A 105 -20.93 8.02 -15.65
CA ARG A 105 -20.93 8.02 -15.65
C ARG A 105 -20.99 9.01 -14.48
N SER A 106 -21.26 8.51 -13.28
CA SER A 106 -21.28 9.39 -12.10
C SER A 106 -19.91 10.02 -11.87
N ALA A 107 -18.84 9.23 -11.99
CA ALA A 107 -17.49 9.77 -11.80
C ALA A 107 -17.12 10.71 -12.94
N TYR A 108 -17.55 10.41 -14.16
CA TYR A 108 -17.22 11.28 -15.29
C TYR A 108 -17.94 12.63 -15.18
N GLN A 109 -19.10 12.65 -14.52
CA GLN A 109 -19.77 13.93 -14.28
C GLN A 109 -18.98 14.79 -13.31
N ARG A 110 -18.37 14.17 -12.30
CA ARG A 110 -17.53 14.93 -11.37
C ARG A 110 -16.25 15.41 -12.05
N TYR A 111 -15.74 14.65 -13.02
CA TYR A 111 -14.56 15.10 -13.76
C TYR A 111 -14.87 16.36 -14.56
N LEU A 112 -16.06 16.43 -15.16
CA LEU A 112 -16.45 17.60 -15.91
C LEU A 112 -16.92 18.75 -15.02
N ALA A 113 -17.39 18.44 -13.81
CA ALA A 113 -17.83 19.48 -12.89
C ALA A 113 -16.66 20.29 -12.37
N GLN A 114 -15.51 19.67 -12.17
CA GLN A 114 -14.33 20.36 -11.67
C GLN A 114 -13.27 20.51 -12.76
N ARG B 5 -8.84 5.46 -26.31
CA ARG B 5 -7.46 5.86 -26.59
C ARG B 5 -7.31 7.39 -26.51
N LEU B 6 -8.44 8.09 -26.59
CA LEU B 6 -8.41 9.55 -26.55
C LEU B 6 -7.97 10.05 -25.18
N ALA B 7 -8.42 9.39 -24.11
CA ALA B 7 -8.13 9.82 -22.74
C ALA B 7 -6.74 9.41 -22.26
N ASP B 8 -5.95 8.72 -23.08
CA ASP B 8 -4.66 8.24 -22.64
C ASP B 8 -3.72 9.38 -22.27
N ARG B 9 -3.81 10.52 -22.96
CA ARG B 9 -2.92 11.63 -22.63
C ARG B 9 -3.25 12.23 -21.27
N ALA B 10 -4.54 12.37 -20.95
CA ALA B 10 -4.91 12.95 -19.67
C ALA B 10 -4.58 12.02 -18.52
N LEU B 11 -4.59 10.70 -18.75
CA LEU B 11 -4.19 9.76 -17.71
C LEU B 11 -2.69 9.82 -17.47
N LEU B 12 -1.89 9.92 -18.53
CA LEU B 12 -0.44 10.06 -18.36
C LEU B 12 -0.08 11.37 -17.66
N ASP B 13 -0.81 12.45 -17.98
CA ASP B 13 -0.58 13.72 -17.31
C ASP B 13 -0.93 13.63 -15.83
N PHE B 14 -2.00 12.90 -15.50
CA PHE B 14 -2.35 12.67 -14.11
C PHE B 14 -1.24 11.92 -13.37
N ALA B 15 -0.63 10.94 -14.04
CA ALA B 15 0.47 10.17 -13.46
C ALA B 15 1.80 10.91 -13.49
N THR B 16 1.86 12.11 -14.05
CA THR B 16 3.13 12.83 -14.15
C THR B 16 3.29 13.75 -12.95
N PRO B 17 4.41 13.67 -12.23
CA PRO B 17 4.60 14.52 -11.06
C PRO B 17 4.82 15.97 -11.46
N HIS B 18 4.37 16.87 -10.59
CA HIS B 18 4.46 18.30 -10.84
C HIS B 18 5.88 18.79 -10.60
N HIS B 22 13.46 21.48 -9.66
CA HIS B 22 13.53 20.04 -9.50
C HIS B 22 14.82 19.68 -8.77
N ASP B 23 14.75 18.64 -7.93
CA ASP B 23 15.85 18.32 -7.02
C ASP B 23 16.92 17.42 -7.62
N LEU B 24 16.69 16.83 -8.80
CA LEU B 24 17.66 15.93 -9.41
C LEU B 24 18.22 16.48 -10.72
N LEU B 25 18.05 17.77 -10.98
CA LEU B 25 18.54 18.34 -12.23
C LEU B 25 20.06 18.23 -12.35
N ARG B 26 20.77 18.46 -11.26
CA ARG B 26 22.22 18.36 -11.28
C ARG B 26 22.62 16.89 -11.43
N PRO B 27 23.49 16.55 -12.39
CA PRO B 27 23.87 15.14 -12.55
C PRO B 27 24.55 14.54 -11.33
N VAL B 28 25.27 15.35 -10.55
CA VAL B 28 25.90 14.85 -9.35
C VAL B 28 24.85 14.40 -8.33
N ASP B 29 23.73 15.14 -8.25
CA ASP B 29 22.66 14.74 -7.34
C ASP B 29 21.92 13.51 -7.84
N PHE B 30 21.83 13.33 -9.16
CA PHE B 30 21.12 12.17 -9.71
C PHE B 30 21.82 10.88 -9.35
N HIS B 31 23.14 10.82 -9.54
CA HIS B 31 23.88 9.60 -9.24
C HIS B 31 23.86 9.27 -7.76
N GLN B 32 23.91 10.30 -6.91
CA GLN B 32 23.80 10.07 -5.47
C GLN B 32 22.42 9.53 -5.09
N ALA B 33 21.37 9.95 -5.80
CA ALA B 33 20.03 9.46 -5.50
C ALA B 33 19.87 8.02 -5.97
N MET B 34 20.46 7.67 -7.11
CA MET B 34 20.32 6.31 -7.62
C MET B 34 21.09 5.31 -6.76
N GLN B 35 22.31 5.66 -6.37
CA GLN B 35 23.09 4.77 -5.52
C GLN B 35 22.45 4.60 -4.15
N GLY B 36 21.92 5.70 -3.59
CA GLY B 36 21.22 5.59 -2.32
C GLY B 36 19.92 4.82 -2.41
N LEU B 37 19.27 4.86 -3.58
CA LEU B 37 18.03 4.09 -3.76
C LEU B 37 18.32 2.60 -3.90
N ARG B 38 19.38 2.25 -4.62
CA ARG B 38 19.70 0.83 -4.81
C ARG B 38 20.17 0.18 -3.51
N SER B 39 20.75 0.97 -2.60
CA SER B 39 21.21 0.41 -1.33
C SER B 39 20.06 0.09 -0.40
N VAL B 40 18.96 0.84 -0.48
CA VAL B 40 17.84 0.62 0.42
C VAL B 40 16.99 -0.55 -0.03
N LEU B 41 16.64 -0.59 -1.33
CA LEU B 41 15.80 -1.68 -1.82
C LEU B 41 16.51 -3.03 -1.75
N ALA B 42 17.84 -3.04 -1.82
CA ALA B 42 18.58 -4.29 -1.71
C ALA B 42 18.53 -4.86 -0.29
N GLU B 43 18.15 -4.06 0.70
CA GLU B 43 18.04 -4.51 2.07
C GLU B 43 16.61 -4.87 2.45
N GLY B 44 15.65 -4.67 1.54
CA GLY B 44 14.28 -5.06 1.81
C GLY B 44 14.09 -6.56 1.69
N GLN B 45 13.20 -7.09 2.55
CA GLN B 45 12.93 -8.52 2.58
C GLN B 45 11.57 -8.90 2.02
N SER B 46 10.66 -7.94 1.85
CA SER B 46 9.34 -8.26 1.34
C SER B 46 9.41 -8.53 -0.17
N PRO B 47 8.51 -9.37 -0.69
CA PRO B 47 8.55 -9.69 -2.12
C PRO B 47 8.36 -8.47 -3.03
N GLU B 48 7.69 -7.43 -2.55
CA GLU B 48 7.52 -6.23 -3.38
C GLU B 48 8.82 -5.45 -3.48
N LEU B 49 9.59 -5.39 -2.39
CA LEU B 49 10.87 -4.69 -2.41
C LEU B 49 11.94 -5.48 -3.15
N ARG B 50 11.93 -6.81 -2.99
CA ARG B 50 12.91 -7.64 -3.68
C ARG B 50 12.70 -7.62 -5.18
N ALA B 51 11.44 -7.65 -5.62
CA ALA B 51 11.16 -7.60 -7.06
C ALA B 51 11.59 -6.28 -7.67
N ALA B 52 11.44 -5.18 -6.92
CA ALA B 52 11.86 -3.88 -7.42
C ALA B 52 13.37 -3.73 -7.41
N ALA B 53 14.04 -4.32 -6.42
CA ALA B 53 15.51 -4.28 -6.38
C ALA B 53 16.10 -5.00 -7.57
N ILE B 54 15.44 -6.06 -8.05
CA ILE B 54 15.91 -6.75 -9.25
C ILE B 54 15.67 -5.90 -10.49
N LEU B 55 14.57 -5.14 -10.51
CA LEU B 55 14.17 -4.44 -11.71
C LEU B 55 15.10 -3.25 -12.00
N LEU B 56 15.35 -2.41 -11.00
CA LEU B 56 16.18 -1.23 -11.26
C LEU B 56 17.65 -1.58 -11.44
N GLU B 57 18.08 -2.77 -11.01
CA GLU B 57 19.43 -3.22 -11.32
C GLU B 57 19.57 -3.53 -12.81
N GLN B 58 18.47 -3.82 -13.50
CA GLN B 58 18.47 -4.02 -14.94
C GLN B 58 18.21 -2.75 -15.72
N MET B 59 17.94 -1.64 -15.04
CA MET B 59 17.71 -0.36 -15.69
C MET B 59 18.93 0.56 -15.63
N HIS B 60 20.08 0.04 -15.19
CA HIS B 60 21.27 0.87 -15.09
C HIS B 60 21.70 1.41 -16.45
N ALA B 61 21.49 0.64 -17.52
CA ALA B 61 21.81 1.10 -18.86
C ALA B 61 20.84 2.16 -19.36
N ASP B 62 19.75 2.41 -18.64
CA ASP B 62 18.76 3.41 -19.03
C ASP B 62 18.95 4.72 -18.29
N GLU B 63 20.02 4.86 -17.50
CA GLU B 63 20.21 6.06 -16.69
C GLU B 63 20.39 7.31 -17.56
N GLN B 64 20.87 7.14 -18.79
CA GLN B 64 21.02 8.29 -19.68
C GLN B 64 19.65 8.80 -20.13
N LEU B 65 18.73 7.88 -20.46
CA LEU B 65 17.38 8.29 -20.83
C LEU B 65 16.65 8.94 -19.67
N MET B 66 16.95 8.55 -18.43
CA MET B 66 16.32 9.14 -17.27
C MET B 66 16.66 10.62 -17.15
N GLN B 67 17.95 10.95 -17.12
CA GLN B 67 18.37 12.33 -16.93
C GLN B 67 17.93 13.22 -18.08
N MET B 68 17.89 12.68 -19.30
CA MET B 68 17.46 13.48 -20.44
C MET B 68 16.00 13.88 -20.32
N THR B 69 15.16 12.98 -19.80
CA THR B 69 13.74 13.28 -19.65
C THR B 69 13.52 14.37 -18.61
N LEU B 70 14.31 14.36 -17.53
CA LEU B 70 14.15 15.35 -16.47
C LEU B 70 14.40 16.76 -16.99
N HIS B 71 15.50 16.95 -17.72
CA HIS B 71 15.87 18.30 -18.17
C HIS B 71 14.91 18.84 -19.21
N LEU B 72 14.23 17.95 -19.95
CA LEU B 72 13.31 18.36 -21.00
C LEU B 72 11.90 18.65 -20.49
N LEU B 73 11.73 18.80 -19.18
CA LEU B 73 10.43 19.14 -18.61
C LEU B 73 10.50 20.42 -17.78
N HIS C 8 -16.77 -10.59 -9.30
CA HIS C 8 -16.12 -10.27 -10.56
C HIS C 8 -15.11 -9.14 -10.38
N GLY C 9 -13.87 -9.41 -10.70
CA GLY C 9 -12.83 -8.41 -10.60
C GLY C 9 -11.83 -8.72 -9.49
N MET C 10 -10.61 -8.20 -9.64
CA MET C 10 -9.55 -8.39 -8.66
C MET C 10 -9.85 -7.50 -7.46
N THR C 11 -10.81 -7.95 -6.65
CA THR C 11 -11.27 -7.17 -5.51
C THR C 11 -11.90 -8.13 -4.50
N LEU C 12 -12.01 -7.66 -3.26
CA LEU C 12 -12.55 -8.46 -2.18
C LEU C 12 -13.85 -7.83 -1.66
N SER C 13 -14.84 -8.68 -1.40
CA SER C 13 -16.06 -8.23 -0.74
C SER C 13 -15.75 -7.84 0.70
N ALA C 14 -16.74 -7.22 1.35
CA ALA C 14 -16.59 -6.77 2.73
C ALA C 14 -16.26 -7.93 3.66
N MLY C 15 -16.87 -9.09 3.41
CA MLY C 15 -16.65 -10.29 4.20
CB MLY C 15 -17.71 -11.35 3.88
CG MLY C 15 -19.11 -10.99 4.29
CD MLY C 15 -20.05 -12.15 4.00
CE MLY C 15 -21.52 -11.74 4.14
NZ MLY C 15 -22.51 -12.81 3.76
CH1 MLY C 15 -23.27 -12.29 2.61
CH2 MLY C 15 -21.80 -14.01 3.28
C MLY C 15 -15.26 -10.87 3.97
O MLY C 15 -14.59 -11.31 4.90
N GLN C 16 -14.84 -10.88 2.71
CA GLN C 16 -13.53 -11.38 2.32
C GLN C 16 -12.41 -10.48 2.85
N GLN C 17 -12.65 -9.18 2.87
CA GLN C 17 -11.68 -8.24 3.45
C GLN C 17 -11.53 -8.50 4.95
N SER C 18 -12.64 -8.74 5.64
CA SER C 18 -12.56 -9.06 7.07
C SER C 18 -11.87 -10.39 7.29
N ALA C 19 -12.15 -11.38 6.43
CA ALA C 19 -11.50 -12.68 6.57
C ALA C 19 -9.99 -12.57 6.41
N LEU C 20 -9.53 -11.84 5.39
CA LEU C 20 -8.11 -11.63 5.19
C LEU C 20 -7.50 -10.84 6.35
N LEU C 21 -8.22 -9.84 6.84
CA LEU C 21 -7.77 -9.10 8.01
C LEU C 21 -7.65 -10.01 9.22
N LEU C 22 -8.57 -10.96 9.37
CA LEU C 22 -8.49 -11.91 10.49
C LEU C 22 -7.27 -12.82 10.36
N LEU C 23 -6.99 -13.29 9.15
CA LEU C 23 -5.80 -14.13 8.95
C LEU C 23 -4.54 -13.39 9.35
N GLY C 24 -4.42 -12.11 8.96
CA GLY C 24 -3.25 -11.33 9.35
C GLY C 24 -3.24 -10.97 10.82
N TRP C 25 -4.40 -10.61 11.37
CA TRP C 25 -4.46 -10.26 12.78
C TRP C 25 -4.16 -11.46 13.68
N LEU C 26 -4.56 -12.66 13.26
CA LEU C 26 -4.25 -13.86 14.04
C LEU C 26 -2.77 -14.17 14.02
N GLN C 27 -2.11 -14.02 12.87
CA GLN C 27 -0.67 -14.24 12.78
C GLN C 27 0.07 -13.27 13.70
N LEU C 28 -0.32 -12.00 13.70
CA LEU C 28 0.29 -11.02 14.59
C LEU C 28 0.06 -11.40 16.06
N GLN C 29 -1.15 -11.85 16.38
CA GLN C 29 -1.45 -12.26 17.75
C GLN C 29 -0.53 -13.38 18.22
N TYR C 30 -0.25 -14.36 17.34
CA TYR C 30 0.56 -15.51 17.68
C TYR C 30 2.04 -15.33 17.36
N GLY C 31 2.53 -14.09 17.35
CA GLY C 31 3.95 -13.84 17.22
C GLY C 31 4.55 -14.16 15.87
N HIS C 32 3.78 -14.03 14.79
CA HIS C 32 4.28 -14.19 13.42
C HIS C 32 4.04 -12.89 12.65
N PRO C 33 4.78 -11.82 12.99
CA PRO C 33 4.53 -10.54 12.32
C PRO C 33 4.91 -10.53 10.85
N ASP C 34 5.88 -11.35 10.44
CA ASP C 34 6.23 -11.41 9.03
C ASP C 34 5.12 -12.08 8.22
N ARG C 35 4.52 -13.13 8.76
CA ARG C 35 3.39 -13.76 8.08
C ARG C 35 2.19 -12.82 8.04
N ALA C 36 1.96 -12.08 9.13
CA ALA C 36 0.89 -11.08 9.14
C ALA C 36 1.12 -10.02 8.07
N ARG C 37 2.35 -9.52 7.98
CA ARG C 37 2.70 -8.50 6.99
C ARG C 37 2.39 -8.98 5.57
N ILE C 38 2.64 -10.25 5.28
CA ILE C 38 2.37 -10.79 3.95
C ILE C 38 0.89 -10.70 3.63
N LEU C 39 0.05 -11.14 4.57
CA LEU C 39 -1.40 -11.12 4.33
C LEU C 39 -1.95 -9.71 4.31
N LEU C 40 -1.40 -8.83 5.15
CA LEU C 40 -1.90 -7.45 5.23
C LEU C 40 -1.45 -6.62 4.03
N ASP C 41 -0.26 -6.89 3.50
CA ASP C 41 0.17 -6.22 2.27
C ASP C 41 -0.75 -6.57 1.11
N ALA C 42 -1.18 -7.82 1.02
CA ALA C 42 -2.12 -8.22 -0.02
C ALA C 42 -3.47 -7.53 0.16
N LEU C 43 -3.95 -7.45 1.41
CA LEU C 43 -5.20 -6.75 1.67
C LEU C 43 -5.09 -5.27 1.28
N LEU C 44 -3.95 -4.66 1.57
CA LEU C 44 -3.74 -3.25 1.24
C LEU C 44 -3.39 -3.05 -0.23
N ALA C 45 -2.98 -4.11 -0.93
CA ALA C 45 -2.81 -4.00 -2.37
C ALA C 45 -4.16 -3.94 -3.08
N LEU C 46 -5.15 -4.68 -2.56
CA LEU C 46 -6.48 -4.71 -3.16
C LEU C 46 -7.38 -3.62 -2.61
N HIS C 47 -7.15 -3.18 -1.37
CA HIS C 47 -7.96 -2.14 -0.74
C HIS C 47 -7.05 -1.27 0.12
N PRO C 48 -6.27 -0.39 -0.50
CA PRO C 48 -5.33 0.44 0.27
C PRO C 48 -6.00 1.37 1.27
N GLU C 49 -7.30 1.63 1.13
CA GLU C 49 -8.01 2.49 2.06
C GLU C 49 -8.46 1.76 3.32
N HIS C 50 -8.17 0.47 3.43
CA HIS C 50 -8.57 -0.32 4.60
C HIS C 50 -7.72 0.07 5.80
N MLY C 51 -8.27 0.92 6.66
CA MLY C 51 -7.53 1.47 7.80
CB MLY C 51 -8.30 2.64 8.41
CG MLY C 51 -8.11 3.95 7.66
CD MLY C 51 -9.43 4.69 7.48
CE MLY C 51 -10.08 5.03 8.80
NZ MLY C 51 -11.11 4.02 9.19
CH1 MLY C 51 -11.54 4.34 10.56
CH2 MLY C 51 -12.26 4.27 8.31
C MLY C 51 -7.24 0.41 8.88
O MLY C 51 -6.16 0.42 9.46
N GLU C 52 -8.20 -0.48 9.13
CA GLU C 52 -8.00 -1.54 10.10
C GLU C 52 -6.85 -2.45 9.67
N GLY C 53 -6.78 -2.73 8.37
CA GLY C 53 -5.67 -3.49 7.84
C GLY C 53 -4.35 -2.74 7.97
N ARG C 54 -4.38 -1.42 7.79
CA ARG C 54 -3.16 -0.64 7.90
C ARG C 54 -2.73 -0.48 9.35
N ARG C 55 -3.69 -0.43 10.28
CA ARG C 55 -3.33 -0.41 11.69
CA ARG C 55 -3.34 -0.41 11.69
C ARG C 55 -2.60 -1.68 12.09
N ALA C 56 -3.08 -2.84 11.64
CA ALA C 56 -2.43 -4.10 11.95
C ALA C 56 -1.08 -4.22 11.27
N LEU C 57 -0.94 -3.65 10.06
CA LEU C 57 0.36 -3.67 9.40
C LEU C 57 1.38 -2.82 10.14
N VAL C 58 0.94 -1.66 10.67
CA VAL C 58 1.83 -0.81 11.46
C VAL C 58 2.43 -1.61 12.62
N VAL C 59 1.58 -2.34 13.36
CA VAL C 59 2.05 -3.10 14.51
C VAL C 59 2.92 -4.27 14.05
N SER C 60 2.57 -4.89 12.93
CA SER C 60 3.40 -5.98 12.39
C SER C 60 4.79 -5.47 12.03
N LEU C 61 4.88 -4.25 11.50
CA LEU C 61 6.18 -3.70 11.13
C LEU C 61 7.01 -3.38 12.37
N LEU C 62 6.37 -2.91 13.44
CA LEU C 62 7.07 -2.65 14.69
C LEU C 62 7.69 -3.92 15.27
N MLY C 63 6.97 -5.03 15.16
CA MLY C 63 7.46 -6.32 15.63
CB MLY C 63 6.32 -7.34 15.69
CG MLY C 63 5.72 -7.60 17.07
CD MLY C 63 4.80 -6.47 17.52
CE MLY C 63 5.46 -5.56 18.55
NZ MLY C 63 5.33 -5.96 19.99
CH1 MLY C 63 4.14 -6.80 20.18
CH2 MLY C 63 6.51 -6.74 20.38
C MLY C 63 8.59 -6.86 14.75
O MLY C 63 9.36 -7.73 15.17
N LEU C 64 8.67 -6.35 13.52
CA LEU C 64 9.71 -6.77 12.58
C LEU C 64 10.90 -5.80 12.58
N GLN C 65 10.92 -4.90 13.56
CA GLN C 65 11.96 -3.88 13.69
C GLN C 65 12.06 -3.02 12.42
N MLY C 66 10.90 -2.59 11.93
CA MLY C 66 10.84 -1.74 10.75
CB MLY C 66 10.09 -2.45 9.61
CG MLY C 66 10.72 -3.76 9.18
CD MLY C 66 12.15 -3.55 8.71
CE MLY C 66 12.75 -4.84 8.18
NZ MLY C 66 14.12 -4.62 7.63
CH1 MLY C 66 15.02 -4.48 8.79
CH2 MLY C 66 14.52 -5.86 6.95
C MLY C 66 10.14 -0.42 11.09
O MLY C 66 9.11 -0.08 10.50
N GLY C 67 10.72 0.32 12.03
CA GLY C 67 10.13 1.53 12.55
C GLY C 67 9.90 2.63 11.53
N SER C 68 10.86 2.82 10.63
CA SER C 68 10.72 3.86 9.60
C SER C 68 9.52 3.58 8.71
N MET C 69 9.36 2.34 8.26
CA MET C 69 8.19 1.97 7.47
C MET C 69 6.91 2.14 8.26
N ALA C 70 6.92 1.72 9.52
CA ALA C 70 5.73 1.78 10.38
C ALA C 70 5.28 3.22 10.61
N MLY C 71 6.26 4.11 10.74
CA MLY C 71 5.98 5.54 10.97
CB MLY C 71 7.27 6.26 11.37
CG MLY C 71 7.11 7.77 11.49
CD MLY C 71 8.46 8.46 11.69
CE MLY C 71 8.34 9.95 11.40
NZ MLY C 71 7.25 10.59 12.18
CH1 MLY C 71 7.86 11.13 13.41
CH2 MLY C 71 6.79 11.75 11.39
C MLY C 71 5.36 6.19 9.75
O MLY C 71 4.50 7.07 9.87
N GLU C 72 5.78 5.78 8.55
CA GLU C 72 5.22 6.33 7.32
C GLU C 72 3.76 5.88 7.16
N HIS C 73 3.48 4.63 7.51
CA HIS C 73 2.11 4.15 7.49
C HIS C 73 1.24 4.88 8.51
N CYS C 74 1.83 5.26 9.66
CA CYS C 74 1.10 6.08 10.62
C CYS C 74 0.83 7.47 10.05
N THR C 75 1.78 8.01 9.29
CA THR C 75 1.56 9.29 8.62
C THR C 75 0.40 9.21 7.65
N LEU C 76 0.28 8.10 6.92
CA LEU C 76 -0.84 7.92 6.02
C LEU C 76 -2.16 7.79 6.78
N LEU C 77 -2.16 7.03 7.88
CA LEU C 77 -3.35 6.93 8.71
C LEU C 77 -3.78 8.30 9.22
N GLN C 78 -2.82 9.10 9.69
CA GLN C 78 -3.15 10.40 10.25
C GLN C 78 -3.85 11.30 9.23
N GLU C 79 -3.36 11.31 7.99
CA GLU C 79 -3.98 12.12 6.96
C GLU C 79 -5.24 11.48 6.38
N GLN C 80 -5.51 10.21 6.70
CA GLN C 80 -6.79 9.60 6.40
C GLN C 80 -7.88 9.98 7.41
N GLY C 81 -7.52 10.67 8.49
CA GLY C 81 -8.45 11.00 9.54
C GLY C 81 -8.37 10.15 10.78
N GLU C 82 -7.32 9.33 10.91
CA GLU C 82 -7.16 8.50 12.11
C GLU C 82 -7.01 9.36 13.34
N GLN C 83 -7.83 9.09 14.36
CA GLN C 83 -7.87 9.88 15.57
C GLN C 83 -7.69 9.04 16.83
N SER C 84 -7.16 7.82 16.69
CA SER C 84 -6.90 6.99 17.85
C SER C 84 -5.69 7.49 18.61
N ALA C 85 -5.79 7.49 19.94
CA ALA C 85 -4.67 7.93 20.77
C ALA C 85 -3.48 6.99 20.66
N ALA C 86 -3.74 5.69 20.49
CA ALA C 86 -2.67 4.70 20.37
C ALA C 86 -1.87 4.85 19.09
N LEU C 87 -2.33 5.67 18.14
CA LEU C 87 -1.53 5.97 16.96
C LEU C 87 -0.18 6.57 17.35
N TRP C 88 -0.19 7.51 18.31
CA TRP C 88 1.05 8.14 18.73
C TRP C 88 1.91 7.18 19.55
N LEU C 89 1.29 6.20 20.20
CA LEU C 89 2.05 5.14 20.84
C LEU C 89 2.84 4.35 19.82
N CYS C 90 2.27 4.13 18.62
CA CYS C 90 3.00 3.47 17.56
C CYS C 90 4.11 4.35 17.02
N VAL C 91 3.87 5.66 16.90
CA VAL C 91 4.89 6.57 16.40
C VAL C 91 6.07 6.62 17.35
N SER C 92 5.82 6.67 18.66
CA SER C 92 6.89 6.68 19.64
C SER C 92 7.71 5.39 19.56
N ARG C 93 7.03 4.24 19.51
CA ARG C 93 7.72 2.97 19.41
C ARG C 93 8.55 2.89 18.14
N ALA C 94 8.03 3.43 17.03
CA ALA C 94 8.77 3.42 15.78
C ALA C 94 10.01 4.29 15.87
N CYS C 95 9.91 5.43 16.55
CA CYS C 95 11.06 6.33 16.68
C CYS C 95 12.14 5.74 17.59
N GLN C 96 11.74 4.97 18.60
CA GLN C 96 12.73 4.31 19.45
C GLN C 96 13.50 3.24 18.68
N GLN C 97 12.87 2.59 17.71
CA GLN C 97 13.57 1.57 16.93
C GLN C 97 14.60 2.18 16.00
N GLU C 98 14.42 3.43 15.60
CA GLU C 98 15.33 4.09 14.67
C GLU C 98 16.29 5.04 15.37
N GLY C 99 16.27 5.10 16.70
CA GLY C 99 17.15 5.96 17.45
C GLY C 99 16.66 7.38 17.66
N ASN C 100 15.54 7.76 17.06
CA ASN C 100 14.98 9.10 17.24
C ASN C 100 14.25 9.15 18.59
N LEU C 101 15.06 9.12 19.65
CA LEU C 101 14.51 9.04 21.00
C LEU C 101 13.76 10.30 21.39
N GLU C 102 14.20 11.46 20.91
CA GLU C 102 13.51 12.70 21.25
C GLU C 102 12.16 12.79 20.55
N GLU C 103 12.09 12.29 19.30
CA GLU C 103 10.80 12.24 18.62
C GLU C 103 9.86 11.25 19.27
N ALA C 104 10.39 10.15 19.82
CA ALA C 104 9.55 9.18 20.51
C ALA C 104 8.93 9.78 21.75
N ARG C 105 9.71 10.55 22.52
CA ARG C 105 9.15 11.23 23.69
C ARG C 105 8.08 12.23 23.29
N SER C 106 8.28 12.93 22.17
CA SER C 106 7.27 13.86 21.68
C SER C 106 5.98 13.14 21.32
N ALA C 107 6.10 12.00 20.64
CA ALA C 107 4.91 11.24 20.26
C ALA C 107 4.25 10.61 21.48
N TYR C 108 5.04 10.15 22.45
CA TYR C 108 4.47 9.56 23.65
C TYR C 108 3.75 10.59 24.50
N GLN C 109 4.18 11.85 24.45
CA GLN C 109 3.45 12.90 25.15
C GLN C 109 2.10 13.16 24.50
N ARG C 110 2.04 13.08 23.17
CA ARG C 110 0.75 13.22 22.49
C ARG C 110 -0.15 12.02 22.77
N TYR C 111 0.43 10.83 22.96
CA TYR C 111 -0.35 9.67 23.31
C TYR C 111 -0.98 9.81 24.70
N LEU C 112 -0.25 10.39 25.64
CA LEU C 112 -0.74 10.57 27.00
C LEU C 112 -1.71 11.73 27.15
N ALA C 113 -1.68 12.71 26.25
CA ALA C 113 -2.57 13.85 26.37
C ALA C 113 -4.03 13.45 26.17
N GLN C 114 -4.29 12.51 25.28
CA GLN C 114 -5.64 12.05 25.03
C GLN C 114 -5.85 10.62 25.55
N ARG D 5 8.02 -4.35 26.80
CA ARG D 5 7.11 -5.48 26.72
C ARG D 5 5.76 -5.14 27.35
N LEU D 6 5.76 -4.10 28.20
CA LEU D 6 4.53 -3.70 28.87
C LEU D 6 3.52 -3.13 27.89
N ALA D 7 3.98 -2.35 26.91
CA ALA D 7 3.10 -1.70 25.96
C ALA D 7 2.65 -2.62 24.82
N ASP D 8 3.10 -3.88 24.82
CA ASP D 8 2.74 -4.78 23.72
C ASP D 8 1.25 -5.02 23.64
N ARG D 9 0.56 -5.03 24.78
CA ARG D 9 -0.88 -5.26 24.77
C ARG D 9 -1.62 -4.10 24.14
N ALA D 10 -1.21 -2.87 24.45
CA ALA D 10 -1.88 -1.70 23.88
C ALA D 10 -1.62 -1.57 22.38
N LEU D 11 -0.46 -2.03 21.91
CA LEU D 11 -0.20 -2.01 20.47
C LEU D 11 -1.07 -3.03 19.75
N LEU D 12 -1.23 -4.22 20.33
CA LEU D 12 -2.11 -5.23 19.72
C LEU D 12 -3.56 -4.76 19.72
N ASP D 13 -3.98 -4.05 20.77
CA ASP D 13 -5.33 -3.50 20.81
C ASP D 13 -5.51 -2.47 19.68
N PHE D 14 -4.47 -1.69 19.40
CA PHE D 14 -4.52 -0.78 18.26
C PHE D 14 -4.72 -1.54 16.96
N ALA D 15 -4.07 -2.70 16.83
CA ALA D 15 -4.21 -3.55 15.65
C ALA D 15 -5.51 -4.34 15.64
N THR D 16 -6.33 -4.23 16.68
CA THR D 16 -7.58 -4.98 16.76
C THR D 16 -8.73 -4.12 16.24
N PRO D 17 -9.50 -4.62 15.28
CA PRO D 17 -10.60 -3.82 14.74
C PRO D 17 -11.74 -3.67 15.74
N HIS D 18 -12.39 -2.50 15.68
CA HIS D 18 -13.48 -2.20 16.59
C HIS D 18 -14.79 -2.89 16.20
N ARG D 19 -14.90 -3.37 14.96
CA ARG D 19 -16.12 -4.03 14.52
C ARG D 19 -16.32 -5.39 15.18
N GLY D 20 -15.25 -6.00 15.68
CA GLY D 20 -15.36 -7.30 16.33
C GLY D 20 -15.63 -8.46 15.39
N PHE D 21 -15.58 -8.23 14.08
CA PHE D 21 -15.81 -9.28 13.07
C PHE D 21 -17.19 -9.92 13.23
N HIS D 22 -18.22 -9.06 13.29
CA HIS D 22 -19.58 -9.56 13.38
C HIS D 22 -20.03 -10.29 12.13
N ASP D 23 -19.34 -10.09 11.01
CA ASP D 23 -19.82 -10.59 9.72
C ASP D 23 -19.39 -12.04 9.44
N LEU D 24 -18.46 -12.60 10.23
CA LEU D 24 -18.02 -13.97 10.02
C LEU D 24 -18.35 -14.88 11.18
N LEU D 25 -19.23 -14.45 12.08
CA LEU D 25 -19.56 -15.27 13.26
C LEU D 25 -20.23 -16.59 12.84
N ARG D 26 -21.12 -16.53 11.87
CA ARG D 26 -21.78 -17.75 11.40
C ARG D 26 -20.79 -18.60 10.63
N PRO D 27 -20.63 -19.88 10.97
CA PRO D 27 -19.66 -20.72 10.25
C PRO D 27 -19.95 -20.87 8.77
N VAL D 28 -21.23 -20.82 8.37
CA VAL D 28 -21.56 -20.92 6.95
C VAL D 28 -21.01 -19.72 6.20
N ASP D 29 -21.05 -18.54 6.82
CA ASP D 29 -20.49 -17.35 6.19
C ASP D 29 -18.97 -17.38 6.18
N PHE D 30 -18.36 -18.03 7.16
CA PHE D 30 -16.90 -18.09 7.23
C PHE D 30 -16.34 -18.88 6.06
N HIS D 31 -16.92 -20.05 5.77
CA HIS D 31 -16.42 -20.87 4.66
C HIS D 31 -16.67 -20.18 3.32
N GLN D 32 -17.81 -19.49 3.19
CA GLN D 32 -18.06 -18.74 1.96
C GLN D 32 -17.07 -17.60 1.79
N ALA D 33 -16.64 -16.98 2.89
CA ALA D 33 -15.66 -15.90 2.80
C ALA D 33 -14.27 -16.43 2.47
N MET D 34 -13.91 -17.59 3.04
CA MET D 34 -12.58 -18.13 2.81
C MET D 34 -12.42 -18.63 1.38
N GLN D 35 -13.43 -19.35 0.86
CA GLN D 35 -13.34 -19.83 -0.52
C GLN D 35 -13.34 -18.68 -1.51
N GLY D 36 -14.14 -17.64 -1.26
CA GLY D 36 -14.12 -16.48 -2.12
C GLY D 36 -12.82 -15.70 -2.03
N LEU D 37 -12.17 -15.74 -0.87
CA LEU D 37 -10.89 -15.05 -0.72
C LEU D 37 -9.78 -15.79 -1.45
N ARG D 38 -9.80 -17.13 -1.40
CA ARG D 38 -8.76 -17.91 -2.08
C ARG D 38 -8.87 -17.81 -3.59
N SER D 39 -10.08 -17.59 -4.12
CA SER D 39 -10.24 -17.49 -5.57
C SER D 39 -9.70 -16.17 -6.11
N VAL D 40 -9.73 -15.11 -5.30
CA VAL D 40 -9.28 -13.81 -5.77
C VAL D 40 -7.76 -13.72 -5.72
N LEU D 41 -7.16 -14.14 -4.61
CA LEU D 41 -5.71 -14.07 -4.48
C LEU D 41 -4.99 -15.01 -5.44
N ALA D 42 -5.65 -16.09 -5.85
CA ALA D 42 -5.03 -17.03 -6.78
C ALA D 42 -4.90 -16.46 -8.18
N GLU D 43 -5.61 -15.38 -8.49
CA GLU D 43 -5.53 -14.72 -9.79
C GLU D 43 -4.61 -13.52 -9.80
N GLY D 44 -4.04 -13.15 -8.64
CA GLY D 44 -3.10 -12.05 -8.60
C GLY D 44 -1.74 -12.42 -9.16
N GLN D 45 -1.11 -11.44 -9.82
CA GLN D 45 0.19 -11.64 -10.44
C GLN D 45 1.33 -10.96 -9.71
N SER D 46 1.04 -10.01 -8.82
CA SER D 46 2.10 -9.31 -8.12
C SER D 46 2.71 -10.21 -7.04
N PRO D 47 3.99 -10.02 -6.71
CA PRO D 47 4.62 -10.88 -5.71
C PRO D 47 3.98 -10.79 -4.33
N GLU D 48 3.32 -9.67 -4.02
CA GLU D 48 2.66 -9.56 -2.72
C GLU D 48 1.39 -10.41 -2.67
N LEU D 49 0.66 -10.47 -3.79
CA LEU D 49 -0.55 -11.30 -3.83
C LEU D 49 -0.21 -12.78 -3.91
N ARG D 50 0.84 -13.12 -4.67
CA ARG D 50 1.25 -14.52 -4.79
C ARG D 50 1.77 -15.06 -3.46
N ALA D 51 2.53 -14.24 -2.72
CA ALA D 51 3.05 -14.69 -1.43
C ALA D 51 1.90 -14.92 -0.44
N ALA D 52 0.85 -14.10 -0.50
CA ALA D 52 -0.28 -14.29 0.39
C ALA D 52 -1.12 -15.49 0.00
N ALA D 53 -1.23 -15.77 -1.31
CA ALA D 53 -1.96 -16.96 -1.74
C ALA D 53 -1.26 -18.22 -1.26
N ILE D 54 0.06 -18.20 -1.16
CA ILE D 54 0.81 -19.34 -0.63
C ILE D 54 0.54 -19.50 0.86
N LEU D 55 0.41 -18.39 1.57
CA LEU D 55 0.33 -18.45 3.03
C LEU D 55 -1.01 -19.02 3.49
N LEU D 56 -2.12 -18.51 2.95
CA LEU D 56 -3.41 -18.99 3.40
C LEU D 56 -3.72 -20.39 2.89
N GLU D 57 -3.02 -20.85 1.86
CA GLU D 57 -3.13 -22.25 1.46
C GLU D 57 -2.48 -23.17 2.47
N GLN D 58 -1.53 -22.67 3.25
CA GLN D 58 -0.93 -23.42 4.34
C GLN D 58 -1.63 -23.21 5.68
N MET D 59 -2.60 -22.31 5.74
CA MET D 59 -3.38 -22.06 6.95
C MET D 59 -4.75 -22.71 6.92
N HIS D 60 -5.03 -23.56 5.92
CA HIS D 60 -6.34 -24.20 5.85
C HIS D 60 -6.58 -25.11 7.05
N ALA D 61 -5.53 -25.75 7.56
CA ALA D 61 -5.67 -26.59 8.75
C ALA D 61 -5.85 -25.79 10.03
N ASP D 62 -5.70 -24.46 9.98
CA ASP D 62 -5.83 -23.61 11.15
C ASP D 62 -7.20 -22.94 11.23
N GLU D 63 -8.13 -23.29 10.34
CA GLU D 63 -9.43 -22.63 10.33
C GLU D 63 -10.22 -22.87 11.61
N GLN D 64 -9.95 -23.97 12.32
CA GLN D 64 -10.66 -24.24 13.57
C GLN D 64 -10.24 -23.26 14.66
N LEU D 65 -8.94 -22.98 14.76
CA LEU D 65 -8.46 -22.00 15.74
C LEU D 65 -8.97 -20.59 15.41
N MET D 66 -9.14 -20.29 14.12
CA MET D 66 -9.66 -18.98 13.73
C MET D 66 -11.09 -18.79 14.23
N GLN D 67 -11.97 -19.72 13.89
CA GLN D 67 -13.38 -19.59 14.27
C GLN D 67 -13.56 -19.62 15.78
N MET D 68 -12.74 -20.38 16.49
CA MET D 68 -12.86 -20.44 17.94
C MET D 68 -12.51 -19.10 18.58
N THR D 69 -11.50 -18.40 18.04
CA THR D 69 -11.13 -17.10 18.59
C THR D 69 -12.23 -16.07 18.39
N LEU D 70 -12.93 -16.14 17.25
CA LEU D 70 -14.00 -15.19 16.97
C LEU D 70 -15.13 -15.31 17.99
N HIS D 71 -15.57 -16.54 18.26
CA HIS D 71 -16.71 -16.74 19.14
C HIS D 71 -16.40 -16.36 20.58
N LEU D 72 -15.14 -16.44 20.99
CA LEU D 72 -14.74 -16.11 22.35
C LEU D 72 -14.44 -14.63 22.54
N LEU D 73 -14.83 -13.78 21.57
CA LEU D 73 -14.63 -12.34 21.69
C LEU D 73 -15.95 -11.60 21.53
BR BR E . -2.47 -8.51 -10.05
BR BR F . 12.73 0.24 8.60
BR BR G . -9.13 -5.67 -11.10
BR BR H . 20.01 11.36 -1.89
BR BR I . 11.35 -5.36 4.55
BR BR J . -18.25 -13.33 0.75
#